data_3IGO
#
_entry.id   3IGO
#
_cell.length_a   60.388
_cell.length_b   55.550
_cell.length_c   81.697
_cell.angle_alpha   90.000
_cell.angle_beta   105.250
_cell.angle_gamma   90.000
#
_symmetry.space_group_name_H-M   'P 1 21 1'
#
loop_
_entity.id
_entity.type
_entity.pdbx_description
1 polymer 'Calmodulin-domain protein kinase 1'
2 non-polymer 'CALCIUM ION'
3 non-polymer 'PHOSPHOAMINOPHOSPHONIC ACID-ADENYLATE ESTER'
4 non-polymer GLYCEROL
5 non-polymer 'S,R MESO-TARTARIC ACID'
6 non-polymer 'PHOSPHATE ION'
7 water water
#
_entity_poly.entity_id   1
_entity_poly.type   'polypeptide(L)'
_entity_poly.pdbx_seq_one_letter_code
;MHHHHHHSSGRENLYFQGTFAERYNIVCMLGKGSFGEVLKCKDRITQQEYAVKVINKASAKNKDTSTILREVELLKKLDH
PNIMKLFEILEDSSSFYIVGELYTGGELFDEIIKRKRFSEHDAARIIKQVFSGITYMHKHNIVHRDLKPENILLESKEKD
CDIKIIDFGLSTCFQQNTKMKDRIGTAYYIAPEVLRGTYDEKCDVWSAGVILYILLSGTPPFYGKNEYDILKRVETGKYA
FDLPQWRTISDDAKDLIRKMLTFHPSLRITATQCLEHPWIQKYSSETPTISDLPSLESAMTNIRQFQAEKKLAQAALLYM
ASKLTTLDETKQLTEIFRKLDTNNDGMLDRDELVRGYHEFMRLKGVDSNSLIQNEGSTIEDQIDSLMPLLDMDGSGSIEY
SEFIASAIDRTILLSRERMERAFKMFDKDGSGKISTKELFKLFSQADSSIQMEELESIIEQVDNNKDGEVDFNEFVEMLQ
NFVRNE
;
_entity_poly.pdbx_strand_id   A
#
# COMPACT_ATOMS: atom_id res chain seq x y z
N GLN A 17 5.20 0.30 23.46
CA GLN A 17 6.03 -0.39 22.44
C GLN A 17 5.64 -1.89 22.37
N GLY A 18 6.59 -2.82 22.11
CA GLY A 18 6.22 -4.25 22.11
C GLY A 18 7.31 -5.28 22.38
N THR A 19 6.91 -6.49 22.78
CA THR A 19 7.90 -7.60 22.87
C THR A 19 8.04 -8.40 21.57
N PHE A 20 9.08 -8.06 20.81
CA PHE A 20 9.37 -8.69 19.54
C PHE A 20 9.54 -10.21 19.64
N ALA A 21 10.36 -10.66 20.59
CA ALA A 21 10.77 -12.07 20.63
C ALA A 21 9.64 -13.04 20.93
N GLU A 22 8.69 -12.64 21.77
CA GLU A 22 7.53 -13.48 22.07
C GLU A 22 6.72 -13.76 20.81
N ARG A 23 6.67 -12.76 19.93
CA ARG A 23 5.76 -12.78 18.79
C ARG A 23 6.36 -13.40 17.52
N TYR A 24 7.63 -13.12 17.27
CA TYR A 24 8.28 -13.54 16.04
C TYR A 24 9.57 -14.30 16.30
N ASN A 25 9.89 -15.23 15.41
CA ASN A 25 11.24 -15.71 15.34
C ASN A 25 11.92 -15.23 14.06
N ILE A 26 13.23 -15.04 14.14
CA ILE A 26 14.00 -14.56 13.02
C ILE A 26 14.33 -15.78 12.14
N VAL A 27 14.06 -15.67 10.84
CA VAL A 27 14.31 -16.81 9.94
C VAL A 27 15.63 -16.65 9.20
N CYS A 28 15.83 -15.46 8.59
CA CYS A 28 17.10 -15.12 7.93
C CYS A 28 17.23 -13.64 7.62
N MET A 29 18.46 -13.26 7.27
CA MET A 29 18.80 -11.96 6.75
C MET A 29 18.18 -11.80 5.34
N LEU A 30 17.60 -10.66 5.06
CA LEU A 30 17.12 -10.37 3.72
C LEU A 30 17.96 -9.30 3.05
N GLY A 31 18.38 -8.30 3.82
CA GLY A 31 19.10 -7.16 3.26
C GLY A 31 19.60 -6.24 4.36
N LYS A 32 20.57 -5.41 4.01
CA LYS A 32 21.11 -4.44 4.96
C LYS A 32 21.23 -3.11 4.27
N GLY A 33 20.52 -2.12 4.77
CA GLY A 33 20.73 -0.75 4.34
C GLY A 33 21.54 0.02 5.37
N SER A 34 21.68 1.32 5.13
CA SER A 34 22.44 2.19 6.03
C SER A 34 21.73 2.49 7.36
N PHE A 35 20.39 2.36 7.39
CA PHE A 35 19.59 2.62 8.58
C PHE A 35 19.51 1.44 9.54
N GLY A 36 19.41 0.24 8.97
CA GLY A 36 19.34 -1.00 9.72
C GLY A 36 19.34 -2.20 8.80
N GLU A 37 19.23 -3.38 9.37
CA GLU A 37 19.16 -4.59 8.54
C GLU A 37 17.71 -5.06 8.46
N VAL A 38 17.41 -5.69 7.34
CA VAL A 38 16.08 -6.22 7.12
C VAL A 38 16.14 -7.73 7.16
N LEU A 39 15.29 -8.30 8.01
CA LEU A 39 15.28 -9.71 8.27
C LEU A 39 13.92 -10.32 7.89
N LYS A 40 13.93 -11.59 7.50
CA LYS A 40 12.70 -12.36 7.43
CA LYS A 40 12.72 -12.38 7.41
C LYS A 40 12.37 -12.91 8.80
N CYS A 41 11.13 -12.71 9.20
CA CYS A 41 10.64 -13.18 10.48
CA CYS A 41 10.63 -13.16 10.49
C CYS A 41 9.30 -13.87 10.33
N LYS A 42 8.99 -14.75 11.28
CA LYS A 42 7.82 -15.58 11.22
C LYS A 42 7.04 -15.42 12.52
N ASP A 43 5.74 -15.18 12.36
CA ASP A 43 4.82 -15.10 13.47
C ASP A 43 4.69 -16.49 14.09
N ARG A 44 5.02 -16.56 15.37
CA ARG A 44 5.09 -17.81 16.10
C ARG A 44 3.79 -18.62 16.14
N ILE A 45 2.66 -17.94 15.96
CA ILE A 45 1.36 -18.56 16.09
C ILE A 45 0.80 -18.87 14.70
N THR A 46 0.89 -17.88 13.81
CA THR A 46 0.25 -17.99 12.49
C THR A 46 1.14 -18.64 11.45
N GLN A 47 2.44 -18.69 11.72
CA GLN A 47 3.45 -19.12 10.75
C GLN A 47 3.57 -18.17 9.53
N GLN A 48 2.87 -17.06 9.55
CA GLN A 48 2.95 -16.10 8.45
C GLN A 48 4.25 -15.33 8.49
N GLU A 49 4.79 -15.06 7.31
CA GLU A 49 6.12 -14.47 7.16
C GLU A 49 6.04 -12.98 6.89
N TYR A 50 7.05 -12.27 7.37
CA TYR A 50 7.09 -10.81 7.44
C TYR A 50 8.53 -10.33 7.28
N ALA A 51 8.68 -9.11 6.78
CA ALA A 51 9.99 -8.48 6.73
C ALA A 51 10.11 -7.54 7.90
N VAL A 52 11.24 -7.58 8.61
CA VAL A 52 11.44 -6.70 9.78
C VAL A 52 12.70 -5.90 9.64
N LYS A 53 12.54 -4.58 9.72
CA LYS A 53 13.70 -3.71 9.81
C LYS A 53 14.09 -3.50 11.29
N VAL A 54 15.34 -3.82 11.58
CA VAL A 54 15.88 -3.69 12.91
C VAL A 54 16.76 -2.44 12.93
N ILE A 55 16.39 -1.50 13.78
CA ILE A 55 17.13 -0.25 13.87
C ILE A 55 17.71 -0.11 15.27
N ASN A 56 19.05 -0.06 15.37
CA ASN A 56 19.70 0.07 16.66
C ASN A 56 19.32 1.40 17.30
N LYS A 57 18.85 1.36 18.55
CA LYS A 57 18.43 2.59 19.21
C LYS A 57 19.55 3.59 19.46
N ALA A 58 20.70 3.09 19.89
CA ALA A 58 21.81 3.93 20.37
C ALA A 58 22.76 4.39 19.27
N SER A 59 22.93 3.59 18.22
CA SER A 59 23.75 4.03 17.08
C SER A 59 22.95 4.98 16.21
N ALA A 60 21.62 4.82 16.20
CA ALA A 60 20.78 5.43 15.17
C ALA A 60 19.84 6.54 15.61
N LYS A 61 19.26 6.42 16.80
CA LYS A 61 18.28 7.42 17.23
C LYS A 61 18.83 8.83 17.08
N ASN A 62 17.94 9.69 16.62
CA ASN A 62 18.30 11.03 16.26
C ASN A 62 17.30 11.97 16.91
N LYS A 63 16.31 11.34 17.54
CA LYS A 63 15.17 12.01 18.16
C LYS A 63 14.70 11.21 19.38
N THR A 65 12.56 8.68 21.68
CA THR A 65 11.78 7.56 21.15
C THR A 65 10.27 7.85 21.02
N SER A 66 9.80 8.92 21.67
CA SER A 66 8.41 9.39 21.51
C SER A 66 8.08 10.13 20.20
N THR A 67 9.07 10.83 19.63
CA THR A 67 8.93 11.56 18.35
C THR A 67 8.97 10.56 17.21
N ILE A 68 9.81 9.55 17.40
CA ILE A 68 9.95 8.43 16.51
C ILE A 68 8.64 7.64 16.42
N LEU A 69 8.04 7.34 17.58
CA LEU A 69 6.79 6.60 17.61
C LEU A 69 5.68 7.36 16.86
N ARG A 70 5.69 8.69 16.96
CA ARG A 70 4.70 9.52 16.26
C ARG A 70 4.82 9.38 14.74
N GLU A 71 6.01 9.61 14.21
CA GLU A 71 6.24 9.53 12.78
C GLU A 71 6.07 8.12 12.21
N VAL A 72 6.45 7.11 12.99
CA VAL A 72 6.23 5.73 12.55
C VAL A 72 4.73 5.46 12.53
N GLU A 73 3.99 6.03 13.48
CA GLU A 73 2.54 5.88 13.43
C GLU A 73 1.98 6.37 12.10
N LEU A 74 2.42 7.54 11.65
CA LEU A 74 2.01 8.11 10.37
C LEU A 74 2.37 7.19 9.20
N LEU A 75 3.59 6.64 9.19
CA LEU A 75 3.98 5.62 8.22
C LEU A 75 3.09 4.37 8.29
N LYS A 76 2.70 4.00 9.49
CA LYS A 76 1.89 2.82 9.72
C LYS A 76 0.53 2.96 9.06
N LYS A 77 -0.08 4.14 9.14
CA LYS A 77 -1.44 4.28 8.60
C LYS A 77 -1.53 4.51 7.07
N LEU A 78 -0.38 4.57 6.39
CA LEU A 78 -0.39 4.58 4.89
C LEU A 78 -0.98 3.28 4.38
N ASP A 79 -1.97 3.43 3.51
CA ASP A 79 -2.82 2.36 3.11
C ASP A 79 -3.01 2.54 1.61
N HIS A 80 -2.12 1.94 0.83
CA HIS A 80 -2.10 2.12 -0.61
C HIS A 80 -1.37 0.93 -1.27
N PRO A 81 -1.91 0.39 -2.37
CA PRO A 81 -1.37 -0.84 -2.97
C PRO A 81 0.09 -0.77 -3.47
N ASN A 82 0.61 0.44 -3.64
CA ASN A 82 1.96 0.61 -4.17
C ASN A 82 2.94 1.16 -3.13
N ILE A 83 2.49 1.18 -1.86
CA ILE A 83 3.33 1.61 -0.75
C ILE A 83 3.58 0.43 0.21
N MET A 84 4.84 0.24 0.61
CA MET A 84 5.18 -0.73 1.64
C MET A 84 4.15 -0.64 2.79
N LYS A 85 3.60 -1.78 3.19
CA LYS A 85 2.64 -1.87 4.29
CA LYS A 85 2.66 -1.82 4.30
C LYS A 85 3.40 -2.23 5.58
N LEU A 86 3.25 -1.41 6.61
CA LEU A 86 3.82 -1.67 7.94
C LEU A 86 2.72 -2.12 8.88
N PHE A 87 2.95 -3.23 9.57
CA PHE A 87 1.97 -3.75 10.53
C PHE A 87 2.20 -3.21 11.93
N GLU A 88 3.46 -3.24 12.39
CA GLU A 88 3.77 -2.71 13.72
C GLU A 88 5.19 -2.23 13.95
N ILE A 89 5.36 -1.46 15.01
CA ILE A 89 6.69 -1.16 15.46
C ILE A 89 6.85 -1.70 16.87
N LEU A 90 7.86 -2.54 17.06
CA LEU A 90 8.15 -3.07 18.38
C LEU A 90 9.49 -2.49 18.88
N GLU A 91 9.77 -2.76 20.13
CA GLU A 91 10.94 -2.18 20.77
C GLU A 91 11.47 -3.11 21.83
N ASP A 92 12.77 -3.30 21.80
CA ASP A 92 13.63 -3.99 22.78
CA ASP A 92 13.42 -3.93 22.96
C ASP A 92 14.42 -2.94 23.55
N SER A 93 15.33 -3.39 24.43
CA SER A 93 16.25 -2.45 25.06
C SER A 93 17.31 -1.95 24.07
N SER A 94 17.56 -2.70 23.01
CA SER A 94 18.57 -2.34 22.02
C SER A 94 18.02 -1.78 20.70
N SER A 95 16.78 -2.09 20.35
CA SER A 95 16.31 -1.87 18.96
C SER A 95 14.84 -1.53 18.80
N PHE A 96 14.55 -0.86 17.70
CA PHE A 96 13.18 -0.79 17.17
C PHE A 96 13.03 -1.87 16.08
N TYR A 97 11.86 -2.51 16.00
CA TYR A 97 11.59 -3.54 15.00
C TYR A 97 10.39 -3.08 14.21
N ILE A 98 10.63 -2.76 12.95
CA ILE A 98 9.54 -2.30 12.11
C ILE A 98 9.11 -3.48 11.26
N VAL A 99 7.92 -3.99 11.57
CA VAL A 99 7.41 -5.19 10.95
C VAL A 99 6.51 -4.82 9.78
N GLY A 100 6.82 -5.36 8.61
CA GLY A 100 6.06 -5.07 7.41
C GLY A 100 5.92 -6.28 6.50
N GLU A 101 5.21 -6.06 5.39
CA GLU A 101 4.90 -7.05 4.39
C GLU A 101 6.19 -7.50 3.71
N LEU A 102 6.31 -8.80 3.50
CA LEU A 102 7.47 -9.36 2.84
C LEU A 102 7.19 -9.40 1.34
N TYR A 103 8.04 -8.76 0.53
CA TYR A 103 7.88 -8.80 -0.93
C TYR A 103 9.02 -9.64 -1.47
N THR A 104 8.73 -10.47 -2.47
CA THR A 104 9.67 -11.49 -2.94
C THR A 104 10.08 -11.40 -4.43
N GLY A 105 9.63 -10.34 -5.13
CA GLY A 105 9.97 -10.08 -6.54
C GLY A 105 11.29 -9.39 -6.80
N GLY A 106 11.96 -8.96 -5.73
CA GLY A 106 13.18 -8.16 -5.87
C GLY A 106 12.91 -6.77 -6.38
N GLU A 107 13.98 -6.08 -6.74
CA GLU A 107 13.95 -4.66 -7.11
C GLU A 107 13.50 -4.45 -8.52
N LEU A 108 12.83 -3.33 -8.78
CA LEU A 108 12.47 -2.98 -10.15
C LEU A 108 13.75 -2.91 -10.97
N PHE A 109 14.84 -2.58 -10.29
CA PHE A 109 16.15 -2.46 -10.94
C PHE A 109 16.55 -3.72 -11.71
N ASP A 110 16.29 -4.89 -11.12
CA ASP A 110 16.64 -6.15 -11.76
C ASP A 110 15.81 -6.42 -13.01
N GLU A 111 14.55 -6.03 -12.95
CA GLU A 111 13.63 -6.15 -14.08
C GLU A 111 14.07 -5.27 -15.27
N ILE A 112 14.60 -4.08 -14.99
CA ILE A 112 15.16 -3.23 -16.03
C ILE A 112 16.42 -3.87 -16.70
N ILE A 113 17.30 -4.46 -15.90
CA ILE A 113 18.51 -5.10 -16.44
C ILE A 113 18.13 -6.28 -17.33
N LYS A 114 17.22 -7.11 -16.84
CA LYS A 114 16.71 -8.26 -17.59
C LYS A 114 16.00 -7.85 -18.89
N ARG A 115 15.02 -6.94 -18.81
CA ARG A 115 14.23 -6.58 -20.00
C ARG A 115 14.91 -5.52 -20.89
N LYS A 116 15.90 -4.82 -20.35
CA LYS A 116 16.63 -3.73 -21.04
C LYS A 116 15.79 -2.49 -21.19
N ARG A 117 14.60 -2.65 -21.77
CA ARG A 117 13.64 -1.58 -21.86
C ARG A 117 12.28 -2.17 -22.21
N PHE A 118 11.25 -1.34 -22.10
CA PHE A 118 9.88 -1.83 -22.00
C PHE A 118 9.05 -1.20 -23.09
N SER A 119 8.01 -1.90 -23.53
CA SER A 119 7.06 -1.32 -24.48
C SER A 119 6.40 -0.10 -23.78
N GLU A 120 5.79 0.77 -24.55
CA GLU A 120 5.00 1.85 -23.98
C GLU A 120 3.91 1.32 -23.02
N HIS A 121 3.22 0.27 -23.43
CA HIS A 121 2.19 -0.39 -22.63
C HIS A 121 2.75 -0.84 -21.27
N ASP A 122 3.93 -1.48 -21.28
CA ASP A 122 4.50 -2.04 -20.06
C ASP A 122 5.11 -0.97 -19.17
N ALA A 123 5.76 0.03 -19.79
CA ALA A 123 6.31 1.17 -19.05
C ALA A 123 5.20 1.96 -18.35
N ALA A 124 4.06 2.11 -19.01
CA ALA A 124 2.96 2.97 -18.51
C ALA A 124 2.29 2.36 -17.29
N ARG A 125 2.12 1.05 -17.36
CA ARG A 125 1.60 0.22 -16.30
C ARG A 125 2.50 0.24 -15.04
N ILE A 126 3.81 0.12 -15.24
CA ILE A 126 4.78 0.24 -14.17
C ILE A 126 4.74 1.65 -13.57
N ILE A 127 4.95 2.66 -14.41
CA ILE A 127 5.14 4.02 -13.89
C ILE A 127 3.83 4.59 -13.31
N LYS A 128 2.69 4.17 -13.86
CA LYS A 128 1.40 4.53 -13.27
C LYS A 128 1.37 4.20 -11.74
N GLN A 129 1.88 3.04 -11.35
CA GLN A 129 1.94 2.63 -9.94
C GLN A 129 2.91 3.47 -9.14
N VAL A 130 4.08 3.77 -9.69
CA VAL A 130 4.97 4.71 -9.07
C VAL A 130 4.23 6.05 -8.86
N PHE A 131 3.53 6.54 -9.89
CA PHE A 131 2.77 7.79 -9.77
C PHE A 131 1.69 7.74 -8.70
N SER A 132 1.00 6.61 -8.61
CA SER A 132 -0.12 6.47 -7.71
C SER A 132 0.37 6.52 -6.24
N GLY A 133 1.48 5.81 -5.99
CA GLY A 133 2.05 5.69 -4.67
C GLY A 133 2.61 7.01 -4.21
N ILE A 134 3.34 7.65 -5.11
CA ILE A 134 3.99 8.91 -4.90
C ILE A 134 2.95 10.03 -4.72
N THR A 135 1.89 10.00 -5.51
CA THR A 135 0.79 10.95 -5.32
C THR A 135 0.21 10.83 -3.91
N TYR A 136 0.01 9.57 -3.50
CA TYR A 136 -0.51 9.24 -2.18
C TYR A 136 0.42 9.74 -1.04
N MET A 137 1.71 9.41 -1.10
CA MET A 137 2.71 9.97 -0.15
C MET A 137 2.67 11.49 -0.01
N HIS A 138 2.62 12.18 -1.13
CA HIS A 138 2.62 13.65 -1.14
C HIS A 138 1.37 14.24 -0.48
N LYS A 139 0.23 13.61 -0.74
CA LYS A 139 -1.02 13.97 -0.10
C LYS A 139 -0.96 13.73 1.40
N HIS A 140 -0.03 12.88 1.83
CA HIS A 140 0.23 12.71 3.27
C HIS A 140 1.48 13.47 3.74
N ASN A 141 1.90 14.43 2.95
CA ASN A 141 3.05 15.24 3.29
C ASN A 141 4.34 14.41 3.49
N ILE A 142 4.47 13.31 2.76
CA ILE A 142 5.71 12.52 2.73
C ILE A 142 6.37 12.66 1.34
N VAL A 143 7.62 13.12 1.36
CA VAL A 143 8.49 13.18 0.20
C VAL A 143 9.40 11.95 0.32
N HIS A 144 9.53 11.19 -0.77
CA HIS A 144 10.43 10.05 -0.79
C HIS A 144 11.91 10.43 -0.60
N ARG A 145 12.42 11.32 -1.46
CA ARG A 145 13.83 11.82 -1.40
C ARG A 145 14.85 10.93 -2.07
N ASP A 146 14.55 9.64 -2.25
CA ASP A 146 15.51 8.76 -2.93
C ASP A 146 14.80 7.76 -3.83
N LEU A 147 13.85 8.26 -4.61
CA LEU A 147 13.09 7.42 -5.52
C LEU A 147 14.00 6.87 -6.62
N LYS A 148 14.11 5.54 -6.71
CA LYS A 148 15.08 4.86 -7.56
C LYS A 148 14.55 3.45 -7.79
N PRO A 149 14.97 2.80 -8.89
CA PRO A 149 14.42 1.46 -9.16
C PRO A 149 14.84 0.46 -8.11
N GLU A 150 15.95 0.74 -7.43
CA GLU A 150 16.39 -0.05 -6.30
C GLU A 150 15.46 0.04 -5.10
N ASN A 151 14.72 1.14 -4.97
CA ASN A 151 13.82 1.33 -3.83
C ASN A 151 12.37 1.08 -4.20
N ILE A 152 12.14 0.43 -5.33
CA ILE A 152 10.85 -0.11 -5.69
C ILE A 152 10.97 -1.65 -5.81
N LEU A 153 10.14 -2.37 -5.07
CA LEU A 153 10.21 -3.83 -5.10
C LEU A 153 9.00 -4.39 -5.85
N LEU A 154 9.18 -5.57 -6.48
CA LEU A 154 8.07 -6.34 -7.00
C LEU A 154 7.47 -7.18 -5.87
N GLU A 155 6.16 -7.11 -5.75
CA GLU A 155 5.45 -7.85 -4.72
C GLU A 155 5.83 -9.33 -4.69
N SER A 156 5.98 -9.89 -5.88
CA SER A 156 6.27 -11.31 -6.04
C SER A 156 6.92 -11.55 -7.40
N LYS A 157 7.20 -12.81 -7.71
CA LYS A 157 7.64 -13.15 -9.06
C LYS A 157 6.48 -13.28 -10.04
N GLU A 158 5.24 -13.19 -9.57
CA GLU A 158 4.06 -13.30 -10.46
C GLU A 158 4.03 -12.22 -11.53
N LYS A 159 3.41 -12.56 -12.66
CA LYS A 159 3.56 -11.87 -13.94
C LYS A 159 3.21 -10.38 -13.96
N ASP A 160 2.09 -10.00 -13.37
CA ASP A 160 1.63 -8.62 -13.47
C ASP A 160 1.45 -7.98 -12.07
N CYS A 161 2.30 -8.38 -11.13
CA CYS A 161 2.12 -8.06 -9.72
C CYS A 161 2.27 -6.56 -9.45
N ASP A 162 1.70 -6.11 -8.34
CA ASP A 162 1.92 -4.75 -7.84
C ASP A 162 3.38 -4.46 -7.55
N ILE A 163 3.83 -3.26 -7.88
CA ILE A 163 5.11 -2.79 -7.36
C ILE A 163 4.88 -2.04 -6.04
N LYS A 164 5.90 -2.02 -5.21
CA LYS A 164 5.82 -1.45 -3.87
C LYS A 164 6.97 -0.50 -3.60
N ILE A 165 6.63 0.76 -3.34
CA ILE A 165 7.63 1.73 -2.95
C ILE A 165 8.10 1.51 -1.50
N ILE A 166 9.42 1.35 -1.34
CA ILE A 166 10.06 1.16 -0.02
C ILE A 166 11.09 2.25 0.30
N ASP A 167 11.61 2.18 1.54
CA ASP A 167 12.80 2.94 1.95
C ASP A 167 12.59 4.44 2.02
N PHE A 168 11.66 4.88 2.86
CA PHE A 168 11.40 6.32 3.06
C PHE A 168 10.81 6.51 4.45
N GLY A 169 10.73 7.76 4.89
CA GLY A 169 10.11 8.10 6.17
C GLY A 169 11.04 8.18 7.37
N LEU A 170 12.24 7.65 7.26
CA LEU A 170 13.07 7.52 8.47
C LEU A 170 14.03 8.68 8.76
N SER A 171 14.25 9.54 7.75
CA SER A 171 15.41 10.46 7.70
C SER A 171 15.53 11.47 8.81
N THR A 172 14.39 11.97 9.26
CA THR A 172 14.33 12.85 10.41
C THR A 172 14.74 12.12 11.71
N CYS A 173 14.13 10.98 11.95
CA CYS A 173 14.27 10.24 13.20
C CYS A 173 15.59 9.51 13.43
N PHE A 174 16.28 9.14 12.36
CA PHE A 174 17.43 8.25 12.49
C PHE A 174 18.58 8.74 11.67
N GLN A 175 19.79 8.44 12.14
CA GLN A 175 20.99 8.68 11.35
C GLN A 175 21.39 7.42 10.57
N GLN A 176 21.75 7.60 9.31
CA GLN A 176 22.26 6.50 8.47
C GLN A 176 23.71 6.20 8.79
N ASN A 177 24.29 5.33 7.98
CA ASN A 177 25.74 5.18 7.93
C ASN A 177 26.25 5.16 6.47
N THR A 178 26.52 3.96 5.96
CA THR A 178 26.97 3.73 4.57
C THR A 178 26.77 2.25 4.20
N THR A 186 21.62 6.93 -6.08
CA THR A 186 22.63 7.04 -7.12
C THR A 186 22.40 8.31 -7.96
N ALA A 187 23.51 8.80 -8.54
CA ALA A 187 23.52 10.08 -9.23
C ALA A 187 22.45 10.26 -10.30
N TYR A 188 22.08 9.18 -10.99
CA TYR A 188 21.14 9.26 -12.10
C TYR A 188 19.81 9.99 -11.82
N TYR A 189 19.28 9.86 -10.62
CA TYR A 189 17.85 10.16 -10.33
C TYR A 189 17.56 11.46 -9.56
N ILE A 190 18.63 12.09 -9.09
CA ILE A 190 18.55 13.28 -8.24
C ILE A 190 18.16 14.52 -9.07
N ALA A 191 17.19 15.27 -8.58
CA ALA A 191 16.80 16.51 -9.22
C ALA A 191 17.92 17.57 -9.11
N PRO A 192 17.96 18.54 -10.02
CA PRO A 192 18.97 19.61 -9.91
C PRO A 192 18.98 20.37 -8.55
N GLU A 193 17.80 20.66 -8.01
CA GLU A 193 17.71 21.40 -6.76
C GLU A 193 18.23 20.64 -5.50
N VAL A 194 18.28 19.32 -5.56
CA VAL A 194 18.86 18.52 -4.47
C VAL A 194 20.35 18.82 -4.34
N LEU A 195 20.97 19.19 -5.46
CA LEU A 195 22.36 19.66 -5.47
C LEU A 195 22.54 20.97 -4.70
N ARG A 196 21.45 21.72 -4.52
CA ARG A 196 21.45 22.95 -3.75
C ARG A 196 20.94 22.72 -2.34
N GLY A 197 20.76 21.45 -1.97
CA GLY A 197 20.32 21.13 -0.63
C GLY A 197 18.82 20.97 -0.39
N THR A 198 18.00 21.22 -1.43
CA THR A 198 16.52 21.13 -1.30
C THR A 198 15.91 19.77 -1.74
N TYR A 199 14.83 19.35 -1.07
CA TYR A 199 14.23 18.03 -1.22
C TYR A 199 12.72 18.21 -1.03
N ASP A 200 12.06 18.89 -1.95
CA ASP A 200 10.61 19.08 -1.88
C ASP A 200 9.91 18.03 -2.78
N GLU A 201 8.57 18.03 -2.81
CA GLU A 201 7.84 16.97 -3.49
C GLU A 201 8.15 16.84 -4.99
N LYS A 202 8.63 17.93 -5.57
CA LYS A 202 8.98 17.98 -6.96
C LYS A 202 10.23 17.14 -7.25
N CYS A 203 11.10 16.96 -6.27
CA CYS A 203 12.29 16.14 -6.51
CA CYS A 203 12.28 16.10 -6.44
C CYS A 203 11.89 14.69 -6.81
N ASP A 204 10.81 14.20 -6.17
CA ASP A 204 10.28 12.86 -6.48
C ASP A 204 9.68 12.74 -7.88
N VAL A 205 9.08 13.81 -8.38
CA VAL A 205 8.56 13.82 -9.74
C VAL A 205 9.75 13.73 -10.73
N TRP A 206 10.79 14.50 -10.46
CA TRP A 206 12.00 14.40 -11.27
C TRP A 206 12.54 12.97 -11.30
N SER A 207 12.64 12.35 -10.14
CA SER A 207 13.23 10.99 -10.04
C SER A 207 12.39 9.98 -10.78
N ALA A 208 11.09 10.13 -10.67
CA ALA A 208 10.16 9.28 -11.38
C ALA A 208 10.29 9.50 -12.88
N GLY A 209 10.52 10.74 -13.29
CA GLY A 209 10.76 11.07 -14.70
C GLY A 209 12.00 10.41 -15.28
N VAL A 210 13.07 10.40 -14.49
CA VAL A 210 14.31 9.74 -14.88
C VAL A 210 14.02 8.27 -15.02
N ILE A 211 13.27 7.69 -14.08
CA ILE A 211 12.87 6.27 -14.19
C ILE A 211 12.11 5.96 -15.48
N LEU A 212 11.13 6.80 -15.82
CA LEU A 212 10.33 6.59 -17.01
C LEU A 212 11.21 6.69 -18.26
N TYR A 213 12.12 7.66 -18.30
CA TYR A 213 13.09 7.76 -19.40
C TYR A 213 13.88 6.44 -19.56
N ILE A 214 14.29 5.88 -18.43
CA ILE A 214 15.00 4.61 -18.41
C ILE A 214 14.09 3.44 -18.84
N LEU A 215 12.85 3.40 -18.40
CA LEU A 215 12.00 2.27 -18.77
C LEU A 215 11.81 2.21 -20.28
N LEU A 216 11.69 3.38 -20.90
CA LEU A 216 11.38 3.43 -22.32
C LEU A 216 12.61 3.28 -23.21
N SER A 217 13.77 3.78 -22.79
CA SER A 217 14.95 3.80 -23.64
C SER A 217 16.03 2.85 -23.13
N GLY A 218 15.97 2.46 -21.86
CA GLY A 218 17.03 1.66 -21.28
C GLY A 218 18.27 2.42 -20.86
N THR A 219 18.28 3.74 -21.00
CA THR A 219 19.48 4.54 -20.76
C THR A 219 19.12 5.72 -19.89
N PRO A 220 20.00 6.07 -18.94
CA PRO A 220 19.67 7.26 -18.17
C PRO A 220 19.79 8.53 -19.03
N PRO A 221 18.88 9.49 -18.83
CA PRO A 221 18.94 10.78 -19.55
C PRO A 221 20.16 11.64 -19.22
N PHE A 222 20.64 11.55 -17.98
CA PHE A 222 21.82 12.29 -17.58
C PHE A 222 22.87 11.24 -17.32
N TYR A 223 23.68 11.03 -18.33
CA TYR A 223 24.57 9.89 -18.30
C TYR A 223 26.00 10.36 -18.60
N GLY A 224 26.99 9.56 -18.21
CA GLY A 224 28.39 9.93 -18.42
C GLY A 224 29.31 8.81 -18.00
N LYS A 225 30.59 8.98 -18.29
CA LYS A 225 31.63 8.01 -17.91
C LYS A 225 31.53 7.67 -16.42
N ASN A 226 31.48 8.71 -15.58
CA ASN A 226 31.45 8.55 -14.13
C ASN A 226 30.59 9.61 -13.47
N GLU A 227 30.48 9.48 -12.15
CA GLU A 227 29.69 10.40 -11.34
C GLU A 227 29.99 11.87 -11.64
N TYR A 228 31.28 12.21 -11.74
CA TYR A 228 31.67 13.58 -12.04
C TYR A 228 30.90 14.10 -13.25
N ASP A 229 31.01 13.39 -14.38
CA ASP A 229 30.34 13.78 -15.61
C ASP A 229 28.79 13.72 -15.53
N ILE A 230 28.26 12.70 -14.87
CA ILE A 230 26.81 12.61 -14.67
C ILE A 230 26.25 13.86 -13.98
N LEU A 231 26.82 14.21 -12.83
CA LEU A 231 26.42 15.39 -12.05
C LEU A 231 26.50 16.71 -12.82
N LYS A 232 27.49 16.81 -13.71
CA LYS A 232 27.62 17.94 -14.62
C LYS A 232 26.37 18.08 -15.48
N ARG A 233 25.89 16.97 -16.01
CA ARG A 233 24.67 16.98 -16.80
C ARG A 233 23.40 17.23 -15.97
N VAL A 234 23.29 16.58 -14.82
CA VAL A 234 22.13 16.77 -13.95
C VAL A 234 21.95 18.25 -13.66
N GLU A 235 23.07 18.87 -13.27
CA GLU A 235 23.14 20.26 -12.83
C GLU A 235 22.56 21.26 -13.81
N THR A 236 22.78 21.02 -15.10
CA THR A 236 22.25 21.91 -16.13
C THR A 236 20.86 21.50 -16.67
N GLY A 237 20.36 20.35 -16.22
CA GLY A 237 19.07 19.81 -16.66
C GLY A 237 19.05 19.37 -18.12
N LYS A 238 20.23 19.21 -18.70
CA LYS A 238 20.33 18.92 -20.13
C LYS A 238 20.27 17.43 -20.45
N TYR A 239 19.22 17.05 -21.15
CA TYR A 239 19.03 15.71 -21.67
C TYR A 239 18.33 15.90 -23.02
N ALA A 240 18.11 14.80 -23.72
CA ALA A 240 17.49 14.81 -25.03
C ALA A 240 16.93 13.44 -25.33
N PHE A 241 16.20 13.35 -26.43
CA PHE A 241 15.70 12.09 -26.93
C PHE A 241 16.45 11.73 -28.21
N ASP A 242 17.78 11.81 -28.16
CA ASP A 242 18.61 11.66 -29.35
CA ASP A 242 18.63 11.64 -29.35
C ASP A 242 18.88 10.19 -29.72
N LEU A 243 18.86 9.31 -28.73
CA LEU A 243 19.10 7.89 -28.95
C LEU A 243 18.10 7.37 -29.98
N PRO A 244 18.56 6.54 -30.92
CA PRO A 244 17.73 5.97 -31.98
C PRO A 244 16.42 5.37 -31.53
N GLN A 245 16.39 4.75 -30.35
CA GLN A 245 15.17 4.11 -29.84
C GLN A 245 14.01 5.09 -29.62
N TRP A 246 14.35 6.37 -29.48
CA TRP A 246 13.33 7.37 -29.26
C TRP A 246 12.46 7.58 -30.49
N ARG A 247 12.99 7.27 -31.67
CA ARG A 247 12.20 7.35 -32.90
C ARG A 247 10.91 6.56 -32.78
N THR A 248 10.94 5.43 -32.10
CA THR A 248 9.80 4.51 -32.07
C THR A 248 8.88 4.69 -30.83
N ILE A 249 9.02 5.81 -30.15
CA ILE A 249 8.19 6.09 -28.97
C ILE A 249 7.30 7.30 -29.24
N SER A 250 6.05 7.22 -28.79
CA SER A 250 5.04 8.26 -29.06
C SER A 250 5.44 9.62 -28.53
N ASP A 251 4.86 10.66 -29.11
CA ASP A 251 5.05 12.02 -28.60
C ASP A 251 4.37 12.18 -27.25
N ASP A 252 3.35 11.36 -27.01
CA ASP A 252 2.66 11.36 -25.72
C ASP A 252 3.64 11.06 -24.55
N ALA A 253 4.47 10.03 -24.70
CA ALA A 253 5.43 9.65 -23.66
C ALA A 253 6.48 10.75 -23.46
N LYS A 254 6.99 11.26 -24.57
CA LYS A 254 7.95 12.35 -24.57
C LYS A 254 7.41 13.60 -23.89
N ASP A 255 6.15 13.92 -24.15
CA ASP A 255 5.50 15.05 -23.52
C ASP A 255 5.49 14.91 -21.99
N LEU A 256 5.00 13.78 -21.49
CA LEU A 256 5.09 13.41 -20.06
C LEU A 256 6.52 13.60 -19.45
N ILE A 257 7.51 12.90 -20.00
CA ILE A 257 8.90 13.02 -19.54
C ILE A 257 9.35 14.47 -19.46
N ARG A 258 9.16 15.20 -20.57
CA ARG A 258 9.47 16.64 -20.62
C ARG A 258 8.84 17.41 -19.47
N LYS A 259 7.59 17.10 -19.14
CA LYS A 259 6.96 17.81 -18.02
C LYS A 259 7.59 17.46 -16.66
N MET A 260 8.14 16.25 -16.55
CA MET A 260 8.67 15.76 -15.32
C MET A 260 10.10 16.22 -15.17
N LEU A 261 10.80 16.29 -16.29
CA LEU A 261 12.21 16.69 -16.27
C LEU A 261 12.36 18.18 -16.56
N THR A 262 11.39 18.96 -16.10
CA THR A 262 11.44 20.40 -16.19
C THR A 262 12.36 20.92 -15.10
N PHE A 263 13.32 21.73 -15.52
CA PHE A 263 14.35 22.23 -14.58
C PHE A 263 13.82 22.94 -13.35
N HIS A 264 12.93 23.92 -13.53
CA HIS A 264 12.42 24.70 -12.41
C HIS A 264 11.31 23.91 -11.79
N PRO A 265 11.44 23.65 -10.49
CA PRO A 265 10.44 22.88 -9.73
C PRO A 265 9.04 23.46 -9.80
N SER A 266 8.94 24.79 -9.83
CA SER A 266 7.62 25.43 -9.86
C SER A 266 6.91 25.26 -11.20
N LEU A 267 7.67 24.97 -12.26
CA LEU A 267 7.12 24.67 -13.60
C LEU A 267 6.96 23.16 -13.83
N ARG A 268 7.52 22.38 -12.90
CA ARG A 268 7.48 20.93 -13.01
C ARG A 268 6.10 20.45 -12.58
N ILE A 269 5.54 19.51 -13.33
CA ILE A 269 4.23 18.98 -12.96
C ILE A 269 4.23 18.26 -11.60
N THR A 270 3.06 18.21 -10.97
CA THR A 270 2.91 17.48 -9.71
C THR A 270 2.74 16.01 -10.02
N ALA A 271 2.80 15.17 -8.98
CA ALA A 271 2.53 13.73 -9.10
C ALA A 271 1.11 13.42 -9.57
N THR A 272 0.15 14.19 -9.09
CA THR A 272 -1.25 14.04 -9.51
C THR A 272 -1.38 14.26 -11.01
N GLN A 273 -0.68 15.26 -11.53
CA GLN A 273 -0.71 15.57 -12.96
C GLN A 273 0.00 14.53 -13.80
N CYS A 274 1.05 13.93 -13.23
CA CYS A 274 1.70 12.79 -13.84
C CYS A 274 0.67 11.68 -13.98
N LEU A 275 0.01 11.38 -12.87
CA LEU A 275 -0.90 10.22 -12.81
C LEU A 275 -2.07 10.40 -13.80
N GLU A 276 -2.47 11.66 -14.01
CA GLU A 276 -3.60 12.04 -14.88
C GLU A 276 -3.24 12.25 -16.36
N HIS A 277 -1.95 12.09 -16.69
CA HIS A 277 -1.48 12.32 -18.05
C HIS A 277 -2.17 11.34 -19.01
N PRO A 278 -2.62 11.84 -20.18
CA PRO A 278 -3.32 11.04 -21.20
C PRO A 278 -2.55 9.79 -21.63
N TRP A 279 -1.22 9.85 -21.68
CA TRP A 279 -0.43 8.64 -21.97
C TRP A 279 -0.67 7.53 -20.94
N ILE A 280 -0.73 7.90 -19.65
CA ILE A 280 -1.04 6.95 -18.56
C ILE A 280 -2.44 6.39 -18.75
N GLN A 281 -3.40 7.29 -18.78
CA GLN A 281 -4.82 6.93 -18.91
C GLN A 281 -5.01 5.92 -20.02
N LYS A 282 -4.33 6.14 -21.15
CA LYS A 282 -4.45 5.27 -22.30
C LYS A 282 -4.06 3.80 -22.02
N TYR A 283 -2.88 3.57 -21.42
CA TYR A 283 -2.43 2.17 -21.20
C TYR A 283 -2.78 1.47 -19.89
N SER A 284 -3.48 2.13 -18.99
CA SER A 284 -3.91 1.48 -17.79
C SER A 284 -5.37 1.78 -17.73
N SER A 285 -6.07 1.33 -18.76
CA SER A 285 -7.51 1.51 -18.91
C SER A 285 -8.27 0.32 -18.35
N GLU A 286 -7.63 -0.42 -17.43
CA GLU A 286 -8.23 -1.57 -16.78
C GLU A 286 -9.69 -1.33 -16.39
N THR A 287 -10.53 -2.33 -16.66
CA THR A 287 -11.99 -2.22 -16.53
C THR A 287 -12.62 -3.60 -16.34
N PRO A 288 -13.74 -3.70 -15.58
CA PRO A 288 -14.38 -5.01 -15.33
C PRO A 288 -14.84 -5.71 -16.61
N THR A 289 -14.60 -7.02 -16.69
CA THR A 289 -15.12 -7.83 -17.80
C THR A 289 -16.04 -8.93 -17.26
N ILE A 290 -16.58 -9.75 -18.19
CA ILE A 290 -17.44 -10.90 -17.84
C ILE A 290 -16.69 -11.92 -16.98
N SER A 291 -15.42 -12.11 -17.29
CA SER A 291 -14.59 -13.04 -16.51
C SER A 291 -14.46 -12.60 -15.04
N ASP A 292 -14.71 -11.32 -14.77
CA ASP A 292 -14.63 -10.77 -13.40
C ASP A 292 -15.90 -10.94 -12.60
N LEU A 293 -16.98 -11.33 -13.28
CA LEU A 293 -18.30 -11.44 -12.65
C LEU A 293 -18.35 -12.33 -11.38
N PRO A 294 -17.65 -13.50 -11.38
CA PRO A 294 -17.69 -14.30 -10.14
C PRO A 294 -17.07 -13.62 -8.94
N SER A 295 -15.94 -12.96 -9.14
CA SER A 295 -15.24 -12.27 -8.02
C SER A 295 -15.96 -10.97 -7.64
N LEU A 296 -16.59 -10.34 -8.63
CA LEU A 296 -17.35 -9.12 -8.41
C LEU A 296 -18.61 -9.43 -7.57
N GLU A 297 -19.32 -10.52 -7.89
CA GLU A 297 -20.46 -10.94 -7.06
CA GLU A 297 -20.46 -11.01 -7.09
C GLU A 297 -20.03 -11.33 -5.65
N SER A 298 -18.90 -12.03 -5.51
CA SER A 298 -18.35 -12.39 -4.20
C SER A 298 -18.17 -11.15 -3.33
N ALA A 299 -17.38 -10.20 -3.84
CA ALA A 299 -17.11 -8.93 -3.16
C ALA A 299 -18.41 -8.20 -2.76
N MET A 300 -19.37 -8.18 -3.66
CA MET A 300 -20.62 -7.48 -3.40
C MET A 300 -21.44 -8.10 -2.30
N THR A 301 -21.46 -9.42 -2.25
CA THR A 301 -22.19 -10.17 -1.22
C THR A 301 -21.52 -9.95 0.15
N ASN A 302 -20.20 -10.03 0.19
CA ASN A 302 -19.47 -9.74 1.42
C ASN A 302 -19.61 -8.28 1.85
N ILE A 303 -19.64 -7.36 0.89
CA ILE A 303 -19.84 -5.97 1.21
C ILE A 303 -21.25 -5.75 1.81
N ARG A 304 -22.27 -6.29 1.15
CA ARG A 304 -23.63 -6.16 1.65
C ARG A 304 -23.76 -6.68 3.08
N GLN A 305 -23.22 -7.85 3.35
CA GLN A 305 -23.21 -8.42 4.70
C GLN A 305 -22.40 -7.60 5.72
N PHE A 306 -21.26 -7.07 5.29
CA PHE A 306 -20.45 -6.19 6.11
C PHE A 306 -21.24 -4.98 6.60
N GLN A 307 -21.92 -4.32 5.66
CA GLN A 307 -22.70 -3.14 5.98
C GLN A 307 -23.81 -3.45 6.98
N ALA A 308 -24.30 -4.68 6.99
CA ALA A 308 -25.37 -5.09 7.90
C ALA A 308 -24.90 -5.32 9.34
N GLU A 309 -23.60 -5.52 9.54
CA GLU A 309 -23.01 -5.72 10.89
C GLU A 309 -22.99 -4.43 11.68
N LYS A 310 -23.03 -4.52 13.01
CA LYS A 310 -22.95 -3.32 13.85
C LYS A 310 -21.53 -2.78 13.89
N LYS A 311 -21.37 -1.50 14.26
CA LYS A 311 -20.07 -0.83 14.24
C LYS A 311 -18.93 -1.63 14.90
N LEU A 312 -19.17 -2.18 16.08
CA LEU A 312 -18.17 -2.96 16.82
C LEU A 312 -17.69 -4.18 16.02
N ALA A 313 -18.62 -4.85 15.33
CA ALA A 313 -18.26 -5.98 14.48
C ALA A 313 -17.38 -5.50 13.33
N GLN A 314 -17.88 -4.51 12.59
CA GLN A 314 -17.09 -3.91 11.50
C GLN A 314 -15.66 -3.52 11.88
N ALA A 315 -15.49 -2.88 13.04
CA ALA A 315 -14.13 -2.45 13.50
C ALA A 315 -13.19 -3.64 13.80
N ALA A 316 -13.71 -4.69 14.42
CA ALA A 316 -12.89 -5.85 14.72
C ALA A 316 -12.54 -6.59 13.43
N LEU A 317 -13.50 -6.68 12.51
CA LEU A 317 -13.23 -7.30 11.23
C LEU A 317 -12.21 -6.54 10.40
N LEU A 318 -12.31 -5.20 10.41
CA LEU A 318 -11.36 -4.37 9.69
C LEU A 318 -9.98 -4.55 10.29
N TYR A 319 -9.92 -4.53 11.62
CA TYR A 319 -8.65 -4.70 12.35
C TYR A 319 -8.00 -6.04 12.03
N MET A 320 -8.82 -7.08 12.07
CA MET A 320 -8.40 -8.43 11.74
C MET A 320 -7.92 -8.64 10.28
N ALA A 321 -8.75 -8.25 9.32
CA ALA A 321 -8.35 -8.29 7.91
C ALA A 321 -7.06 -7.53 7.61
N SER A 322 -6.88 -6.35 8.19
CA SER A 322 -5.73 -5.57 7.80
C SER A 322 -4.46 -5.96 8.55
N LYS A 323 -4.58 -6.57 9.72
CA LYS A 323 -3.40 -7.06 10.44
C LYS A 323 -3.06 -8.52 10.10
N LEU A 324 -4.05 -9.31 9.71
CA LEU A 324 -3.81 -10.75 9.72
C LEU A 324 -3.94 -11.51 8.40
N THR A 325 -4.35 -10.86 7.32
CA THR A 325 -4.44 -11.55 6.02
C THR A 325 -3.12 -11.58 5.28
N THR A 326 -3.07 -12.39 4.22
CA THR A 326 -1.84 -12.55 3.42
C THR A 326 -2.02 -12.02 2.01
N LEU A 327 -0.91 -11.81 1.33
CA LEU A 327 -0.89 -11.28 -0.03
C LEU A 327 -1.56 -12.26 -0.96
N ASP A 328 -1.40 -13.54 -0.68
CA ASP A 328 -1.99 -14.56 -1.52
C ASP A 328 -3.52 -14.59 -1.42
N GLU A 329 -4.06 -14.21 -0.27
CA GLU A 329 -5.51 -14.17 -0.06
C GLU A 329 -6.18 -12.94 -0.64
N THR A 330 -5.42 -11.90 -0.95
CA THR A 330 -6.04 -10.64 -1.35
C THR A 330 -5.90 -10.39 -2.85
N LYS A 331 -5.30 -11.35 -3.57
CA LYS A 331 -4.89 -11.11 -4.95
C LYS A 331 -6.02 -11.01 -5.96
N GLN A 332 -7.10 -11.79 -5.79
CA GLN A 332 -8.27 -11.64 -6.67
C GLN A 332 -8.93 -10.28 -6.43
N LEU A 333 -9.07 -9.94 -5.16
CA LEU A 333 -9.67 -8.68 -4.80
C LEU A 333 -8.81 -7.49 -5.21
N THR A 334 -7.49 -7.68 -5.33
CA THR A 334 -6.66 -6.55 -5.74
C THR A 334 -6.91 -6.26 -7.21
N GLU A 335 -7.10 -7.30 -8.00
CA GLU A 335 -7.38 -7.17 -9.42
CA GLU A 335 -7.39 -7.15 -9.42
C GLU A 335 -8.72 -6.43 -9.63
N ILE A 336 -9.72 -6.80 -8.84
CA ILE A 336 -11.01 -6.12 -8.88
C ILE A 336 -10.86 -4.66 -8.49
N PHE A 337 -10.10 -4.44 -7.43
CA PHE A 337 -9.85 -3.10 -6.89
C PHE A 337 -9.30 -2.22 -8.00
N ARG A 338 -8.30 -2.72 -8.72
CA ARG A 338 -7.72 -2.01 -9.87
C ARG A 338 -8.71 -1.69 -10.97
N LYS A 339 -9.59 -2.63 -11.27
CA LYS A 339 -10.55 -2.46 -12.33
C LYS A 339 -11.66 -1.45 -11.97
N LEU A 340 -11.90 -1.27 -10.68
CA LEU A 340 -12.86 -0.30 -10.18
C LEU A 340 -12.25 1.09 -10.02
N ASP A 341 -10.93 1.13 -9.86
CA ASP A 341 -10.19 2.34 -9.51
C ASP A 341 -9.88 3.07 -10.81
N THR A 342 -10.90 3.77 -11.33
CA THR A 342 -10.85 4.39 -12.67
C THR A 342 -9.72 5.41 -12.79
N ASN A 343 -9.46 6.21 -11.76
CA ASN A 343 -8.48 7.29 -11.88
C ASN A 343 -7.08 6.86 -11.42
N ASN A 344 -6.92 5.58 -11.10
CA ASN A 344 -5.61 4.99 -10.79
C ASN A 344 -4.88 5.49 -9.52
N ASP A 345 -5.58 6.26 -8.70
CA ASP A 345 -4.98 6.74 -7.46
C ASP A 345 -5.13 5.54 -6.52
N GLY A 346 -4.63 5.52 -5.33
CA GLY A 346 -4.78 4.11 -4.83
C GLY A 346 -6.09 3.69 -4.15
N MET A 347 -7.23 4.31 -4.51
CA MET A 347 -8.43 4.26 -3.63
C MET A 347 -9.75 4.30 -4.39
N LEU A 348 -10.81 3.84 -3.75
CA LEU A 348 -12.11 3.90 -4.41
C LEU A 348 -12.92 5.11 -3.95
N ASP A 349 -13.27 6.03 -4.84
CA ASP A 349 -14.21 7.08 -4.40
C ASP A 349 -15.67 6.67 -4.63
N ARG A 350 -16.59 7.51 -4.19
CA ARG A 350 -18.02 7.28 -4.35
C ARG A 350 -18.44 7.04 -5.78
N ASP A 351 -17.97 7.90 -6.70
CA ASP A 351 -18.39 7.78 -8.09
C ASP A 351 -17.81 6.50 -8.69
N GLU A 352 -16.60 6.15 -8.29
CA GLU A 352 -15.99 4.89 -8.74
C GLU A 352 -16.79 3.67 -8.31
N LEU A 353 -17.37 3.73 -7.10
CA LEU A 353 -18.21 2.65 -6.59
C LEU A 353 -19.54 2.56 -7.34
N VAL A 354 -20.14 3.73 -7.62
CA VAL A 354 -21.38 3.84 -8.41
C VAL A 354 -21.23 3.28 -9.82
N ARG A 355 -20.23 3.77 -10.57
CA ARG A 355 -19.94 3.22 -11.91
C ARG A 355 -19.69 1.70 -11.88
N GLY A 356 -18.93 1.26 -10.89
CA GLY A 356 -18.58 -0.14 -10.72
C GLY A 356 -19.83 -0.98 -10.60
N TYR A 357 -20.72 -0.61 -9.68
CA TYR A 357 -21.99 -1.32 -9.52
CA TYR A 357 -22.01 -1.31 -9.49
C TYR A 357 -22.81 -1.34 -10.81
N HIS A 358 -22.84 -0.21 -11.52
CA HIS A 358 -23.56 -0.10 -12.79
C HIS A 358 -22.98 -1.01 -13.84
N GLU A 359 -21.66 -1.02 -13.90
CA GLU A 359 -20.95 -1.85 -14.85
C GLU A 359 -21.21 -3.31 -14.51
N PHE A 360 -21.16 -3.61 -13.23
CA PHE A 360 -21.39 -4.97 -12.80
C PHE A 360 -22.77 -5.46 -13.30
N MET A 361 -23.80 -4.62 -13.14
CA MET A 361 -25.14 -5.00 -13.59
C MET A 361 -25.14 -5.19 -15.11
N ARG A 362 -24.64 -4.20 -15.84
CA ARG A 362 -24.60 -4.25 -17.30
C ARG A 362 -24.00 -5.56 -17.80
N LEU A 363 -22.83 -5.93 -17.28
CA LEU A 363 -22.13 -7.13 -17.69
C LEU A 363 -22.98 -8.36 -17.46
N LYS A 364 -23.78 -8.32 -16.40
CA LYS A 364 -24.59 -9.42 -15.96
C LYS A 364 -25.91 -9.50 -16.75
N GLY A 365 -26.26 -8.41 -17.44
CA GLY A 365 -27.48 -8.34 -18.24
C GLY A 365 -28.66 -7.81 -17.45
N VAL A 366 -28.38 -7.05 -16.40
CA VAL A 366 -29.41 -6.56 -15.51
C VAL A 366 -29.54 -5.06 -15.64
N ASP A 367 -30.77 -4.62 -15.72
CA ASP A 367 -31.09 -3.22 -15.84
C ASP A 367 -31.10 -2.56 -14.45
N SER A 368 -30.18 -1.62 -14.21
CA SER A 368 -30.09 -0.93 -12.92
CA SER A 368 -30.08 -0.90 -12.93
C SER A 368 -31.44 -0.38 -12.42
N ASN A 369 -32.33 -0.03 -13.35
CA ASN A 369 -33.68 0.46 -13.04
C ASN A 369 -34.59 -0.53 -12.28
N SER A 370 -34.38 -1.84 -12.52
CA SER A 370 -35.00 -2.92 -11.74
C SER A 370 -34.81 -2.81 -10.21
N LEU A 371 -33.80 -2.07 -9.77
CA LEU A 371 -33.47 -1.96 -8.34
C LEU A 371 -34.53 -1.21 -7.50
N ILE A 372 -35.27 -0.28 -8.13
CA ILE A 372 -36.35 0.42 -7.44
C ILE A 372 -37.39 -0.58 -6.93
N GLN A 373 -37.82 -1.49 -7.81
CA GLN A 373 -38.75 -2.56 -7.46
C GLN A 373 -37.99 -3.82 -7.02
N GLY A 376 -35.38 -1.25 -2.25
CA GLY A 376 -36.29 -0.36 -2.99
C GLY A 376 -35.69 1.01 -3.27
N SER A 377 -34.44 1.02 -3.75
CA SER A 377 -33.62 2.24 -3.97
C SER A 377 -32.59 2.06 -5.11
N THR A 378 -32.18 3.18 -5.71
CA THR A 378 -31.19 3.17 -6.80
C THR A 378 -29.81 2.77 -6.31
N ILE A 379 -28.94 2.43 -7.27
CA ILE A 379 -27.52 2.19 -7.00
C ILE A 379 -26.89 3.38 -6.25
N GLU A 380 -27.24 4.60 -6.69
CA GLU A 380 -26.72 5.85 -6.10
C GLU A 380 -27.09 5.99 -4.62
N ASP A 381 -28.39 5.89 -4.30
CA ASP A 381 -28.84 5.85 -2.90
C ASP A 381 -28.09 4.77 -2.11
N GLN A 382 -27.93 3.58 -2.71
CA GLN A 382 -27.27 2.47 -2.03
C GLN A 382 -25.80 2.74 -1.74
N ILE A 383 -25.08 3.32 -2.70
CA ILE A 383 -23.65 3.60 -2.49
C ILE A 383 -23.50 4.73 -1.46
N ASP A 384 -24.39 5.72 -1.54
CA ASP A 384 -24.34 6.87 -0.63
C ASP A 384 -24.52 6.48 0.83
N SER A 385 -25.33 5.46 1.08
CA SER A 385 -25.58 5.04 2.45
C SER A 385 -24.51 4.06 2.90
N LEU A 386 -23.89 3.40 1.93
CA LEU A 386 -22.78 2.48 2.16
C LEU A 386 -21.48 3.21 2.48
N MET A 387 -21.25 4.34 1.80
CA MET A 387 -19.99 5.06 1.94
C MET A 387 -19.60 5.32 3.39
N PRO A 388 -20.56 5.83 4.23
CA PRO A 388 -20.21 6.05 5.64
C PRO A 388 -19.80 4.76 6.34
N LEU A 389 -20.42 3.65 5.95
CA LEU A 389 -20.14 2.38 6.58
C LEU A 389 -18.76 1.84 6.20
N LEU A 390 -18.36 1.98 4.95
CA LEU A 390 -17.11 1.38 4.47
C LEU A 390 -15.91 2.28 4.69
N ASP A 391 -16.16 3.59 4.64
CA ASP A 391 -15.13 4.57 4.86
C ASP A 391 -15.00 4.77 6.34
N MET A 392 -14.25 3.86 6.96
CA MET A 392 -14.21 3.77 8.40
C MET A 392 -13.39 4.87 9.07
N ASP A 393 -12.42 5.44 8.37
CA ASP A 393 -11.65 6.54 8.95
C ASP A 393 -12.20 7.91 8.57
N GLY A 394 -13.31 7.94 7.81
CA GLY A 394 -13.89 9.17 7.27
C GLY A 394 -13.03 9.92 6.28
N SER A 395 -12.10 9.23 5.60
CA SER A 395 -11.10 9.86 4.73
C SER A 395 -11.66 10.39 3.41
N GLY A 396 -12.91 10.03 3.10
CA GLY A 396 -13.52 10.44 1.83
C GLY A 396 -13.33 9.42 0.71
N SER A 397 -12.52 8.40 0.99
CA SER A 397 -12.25 7.36 0.04
C SER A 397 -12.23 6.05 0.76
N ILE A 398 -12.46 4.98 0.01
CA ILE A 398 -12.36 3.62 0.51
C ILE A 398 -10.94 3.16 0.18
N GLU A 399 -10.07 3.07 1.18
CA GLU A 399 -8.68 2.69 0.91
C GLU A 399 -8.59 1.18 0.79
N TYR A 400 -7.43 0.70 0.34
CA TYR A 400 -7.22 -0.70 0.08
C TYR A 400 -7.69 -1.62 1.20
N SER A 401 -7.22 -1.37 2.42
CA SER A 401 -7.57 -2.25 3.53
C SER A 401 -9.06 -2.21 3.91
N GLU A 402 -9.73 -1.06 3.70
CA GLU A 402 -11.17 -0.96 3.94
C GLU A 402 -11.92 -1.77 2.88
N PHE A 403 -11.44 -1.72 1.64
CA PHE A 403 -12.00 -2.56 0.59
C PHE A 403 -11.82 -4.04 0.92
N ILE A 404 -10.60 -4.46 1.24
CA ILE A 404 -10.33 -5.87 1.57
C ILE A 404 -11.18 -6.36 2.75
N ALA A 405 -11.15 -5.66 3.88
CA ALA A 405 -12.00 -6.01 5.02
C ALA A 405 -13.48 -6.23 4.66
N SER A 406 -14.01 -5.42 3.75
CA SER A 406 -15.46 -5.48 3.43
C SER A 406 -15.79 -6.50 2.33
N ALA A 407 -14.82 -6.81 1.49
CA ALA A 407 -15.10 -7.59 0.30
C ALA A 407 -14.53 -9.00 0.37
N ILE A 408 -13.70 -9.28 1.37
CA ILE A 408 -13.18 -10.62 1.57
C ILE A 408 -14.26 -11.50 2.19
N ASP A 409 -14.09 -12.81 2.01
CA ASP A 409 -14.84 -13.82 2.76
C ASP A 409 -14.28 -13.84 4.19
N ARG A 410 -14.99 -13.24 5.13
CA ARG A 410 -14.42 -13.03 6.45
C ARG A 410 -14.27 -14.31 7.29
N THR A 411 -14.76 -15.45 6.78
CA THR A 411 -14.52 -16.74 7.44
C THR A 411 -13.02 -17.10 7.46
N ILE A 412 -12.32 -16.61 6.43
CA ILE A 412 -10.86 -16.61 6.34
C ILE A 412 -10.17 -16.08 7.62
N LEU A 413 -10.85 -15.22 8.37
CA LEU A 413 -10.32 -14.66 9.62
C LEU A 413 -10.46 -15.61 10.83
N LEU A 414 -11.28 -16.64 10.65
CA LEU A 414 -11.72 -17.45 11.77
C LEU A 414 -10.90 -18.70 11.90
N SER A 415 -9.72 -18.74 11.29
CA SER A 415 -8.85 -19.87 11.51
C SER A 415 -8.37 -19.77 12.95
N ARG A 416 -8.04 -20.90 13.55
CA ARG A 416 -7.64 -20.89 14.97
C ARG A 416 -6.40 -20.04 15.28
N GLU A 417 -5.41 -20.08 14.39
CA GLU A 417 -4.15 -19.38 14.61
C GLU A 417 -4.37 -17.86 14.63
N ARG A 418 -5.22 -17.38 13.73
CA ARG A 418 -5.49 -15.94 13.61
C ARG A 418 -6.26 -15.37 14.79
N MET A 419 -7.25 -16.12 15.25
CA MET A 419 -8.02 -15.78 16.46
C MET A 419 -7.10 -15.76 17.68
N GLU A 420 -6.16 -16.71 17.71
CA GLU A 420 -5.16 -16.80 18.77
C GLU A 420 -4.23 -15.61 18.73
N ARG A 421 -3.79 -15.22 17.54
CA ARG A 421 -2.94 -14.03 17.44
C ARG A 421 -3.74 -12.78 17.83
N ALA A 422 -4.99 -12.68 17.37
CA ALA A 422 -5.85 -11.55 17.76
C ALA A 422 -6.07 -11.45 19.27
N PHE A 423 -6.49 -12.58 19.88
CA PHE A 423 -6.57 -12.67 21.34
C PHE A 423 -5.31 -12.12 21.98
N LYS A 424 -4.16 -12.64 21.56
CA LYS A 424 -2.87 -12.34 22.14
C LYS A 424 -2.49 -10.88 21.99
N MET A 425 -3.04 -10.23 20.96
CA MET A 425 -2.74 -8.84 20.69
C MET A 425 -3.38 -7.96 21.74
N PHE A 426 -4.54 -8.40 22.24
CA PHE A 426 -5.29 -7.67 23.26
C PHE A 426 -5.00 -8.13 24.68
N ASP A 427 -4.33 -9.27 24.81
CA ASP A 427 -3.91 -9.80 26.09
C ASP A 427 -2.68 -9.05 26.58
N LYS A 428 -2.89 -7.85 27.10
CA LYS A 428 -1.81 -7.05 27.65
C LYS A 428 -1.37 -7.60 29.02
N ASP A 429 -2.35 -7.84 29.89
CA ASP A 429 -2.11 -8.39 31.22
C ASP A 429 -2.22 -9.93 31.27
N GLY A 430 -1.14 -10.59 31.69
CA GLY A 430 -1.16 -12.00 32.06
C GLY A 430 -1.70 -13.00 31.04
N SER A 431 -3.00 -13.29 31.13
CA SER A 431 -3.60 -14.45 30.42
C SER A 431 -5.03 -14.27 29.86
N GLY A 432 -5.74 -13.22 30.29
CA GLY A 432 -7.12 -12.98 29.86
C GLY A 432 -7.36 -11.51 29.58
N LYS A 433 -8.38 -11.23 28.76
CA LYS A 433 -8.72 -9.87 28.36
C LYS A 433 -9.74 -9.29 29.33
N ILE A 434 -9.30 -8.33 30.14
CA ILE A 434 -10.18 -7.64 31.07
C ILE A 434 -11.32 -6.91 30.35
N SER A 435 -12.50 -6.90 30.97
CA SER A 435 -13.61 -6.07 30.49
C SER A 435 -13.20 -4.60 30.52
N THR A 436 -12.34 -4.25 31.49
CA THR A 436 -11.78 -2.89 31.63
C THR A 436 -10.70 -2.56 30.57
N LYS A 437 -9.98 -3.59 30.12
CA LYS A 437 -9.08 -3.43 28.98
C LYS A 437 -9.90 -3.30 27.69
N GLU A 438 -10.65 -4.36 27.35
CA GLU A 438 -11.41 -4.47 26.10
C GLU A 438 -12.26 -3.24 25.75
N LEU A 439 -12.82 -2.59 26.77
CA LEU A 439 -13.64 -1.38 26.62
C LEU A 439 -12.80 -0.15 26.19
N PHE A 440 -11.67 0.06 26.86
CA PHE A 440 -10.69 1.07 26.44
C PHE A 440 -9.92 0.63 25.18
N LYS A 441 -10.04 -0.65 24.82
CA LYS A 441 -9.45 -1.23 23.61
C LYS A 441 -10.45 -1.23 22.43
N LEU A 442 -11.62 -0.63 22.66
CA LEU A 442 -12.67 -0.58 21.63
C LEU A 442 -12.84 0.84 21.08
N GLU A 456 -20.43 -0.59 25.74
CA GLU A 456 -20.31 -1.71 26.67
C GLU A 456 -21.28 -2.84 26.32
N SER A 457 -22.46 -2.46 25.81
CA SER A 457 -23.55 -3.39 25.48
C SER A 457 -23.14 -4.82 25.16
N ILE A 458 -22.15 -4.97 24.26
CA ILE A 458 -21.71 -6.29 23.80
C ILE A 458 -20.89 -7.08 24.81
N ILE A 459 -20.12 -6.38 25.65
CA ILE A 459 -19.21 -7.00 26.62
C ILE A 459 -19.88 -7.97 27.60
N GLU A 460 -21.09 -7.63 28.04
CA GLU A 460 -21.88 -8.47 28.94
C GLU A 460 -22.28 -9.79 28.27
N GLN A 461 -22.55 -9.73 26.97
CA GLN A 461 -22.97 -10.91 26.18
C GLN A 461 -21.84 -11.92 25.91
N VAL A 462 -20.68 -11.44 25.46
CA VAL A 462 -19.57 -12.31 25.05
C VAL A 462 -19.02 -13.13 26.21
N ASP A 463 -19.02 -12.49 27.39
CA ASP A 463 -18.59 -13.11 28.64
C ASP A 463 -19.71 -14.02 29.14
N ASN A 464 -19.76 -15.24 28.61
CA ASN A 464 -20.92 -16.09 28.81
C ASN A 464 -21.08 -16.71 30.20
N ASN A 465 -19.99 -16.75 30.99
CA ASN A 465 -20.08 -17.17 32.39
C ASN A 465 -20.23 -15.99 33.37
N LYS A 466 -19.89 -14.79 32.90
CA LYS A 466 -20.04 -13.53 33.66
C LYS A 466 -19.04 -13.33 34.82
N ASP A 467 -17.76 -13.66 34.57
CA ASP A 467 -16.71 -13.47 35.58
C ASP A 467 -15.84 -12.21 35.37
N GLY A 468 -16.38 -11.24 34.63
CA GLY A 468 -15.69 -9.97 34.37
C GLY A 468 -14.74 -10.02 33.20
N GLU A 469 -13.82 -10.98 33.19
CA GLU A 469 -12.82 -11.12 32.15
C GLU A 469 -13.21 -12.07 31.00
N VAL A 470 -12.53 -11.90 29.87
CA VAL A 470 -12.85 -12.61 28.63
C VAL A 470 -11.72 -13.60 28.27
N ASP A 471 -12.01 -14.90 28.38
CA ASP A 471 -11.05 -15.92 27.95
C ASP A 471 -11.11 -16.15 26.43
N PHE A 472 -10.28 -17.07 25.94
CA PHE A 472 -10.15 -17.28 24.50
C PHE A 472 -11.43 -17.86 23.90
N ASN A 473 -12.10 -18.69 24.67
CA ASN A 473 -13.36 -19.27 24.23
C ASN A 473 -14.49 -18.30 23.98
N GLU A 474 -14.59 -17.29 24.81
CA GLU A 474 -15.62 -16.28 24.63
C GLU A 474 -15.20 -15.38 23.48
N PHE A 475 -13.90 -15.12 23.39
CA PHE A 475 -13.31 -14.31 22.33
C PHE A 475 -13.56 -14.92 20.95
N VAL A 476 -13.38 -16.24 20.85
CA VAL A 476 -13.68 -16.99 19.64
C VAL A 476 -15.15 -16.85 19.28
N GLU A 477 -16.03 -17.01 20.27
CA GLU A 477 -17.47 -16.97 20.03
C GLU A 477 -17.95 -15.60 19.56
N MET A 478 -17.43 -14.55 20.22
CA MET A 478 -17.65 -13.17 19.79
C MET A 478 -17.20 -12.91 18.35
N LEU A 479 -15.99 -13.38 17.99
CA LEU A 479 -15.51 -13.27 16.63
C LEU A 479 -16.39 -14.00 15.62
N GLN A 480 -16.85 -15.19 16.00
CA GLN A 480 -17.73 -15.96 15.13
C GLN A 480 -19.04 -15.23 14.95
N ASN A 481 -19.54 -14.66 16.05
CA ASN A 481 -20.77 -13.85 16.01
C ASN A 481 -20.59 -12.66 15.09
N PHE A 482 -19.38 -12.13 15.07
CA PHE A 482 -19.10 -10.99 14.21
C PHE A 482 -19.20 -11.39 12.73
N VAL A 483 -18.63 -12.54 12.37
CA VAL A 483 -18.71 -13.05 11.00
C VAL A 483 -20.13 -13.57 10.70
N ARG A 484 -20.84 -13.98 11.75
CA ARG A 484 -22.18 -14.61 11.65
C ARG A 484 -23.25 -13.80 10.92
N ASN A 485 -23.42 -12.52 11.29
CA ASN A 485 -24.31 -11.60 10.53
C ASN A 485 -24.41 -10.21 11.17
#